data_6SME
#
_entry.id   6SME
#
_cell.length_a   128.820
_cell.length_b   128.820
_cell.length_c   75.999
_cell.angle_alpha   90.000
_cell.angle_beta   90.000
_cell.angle_gamma   120.000
#
_symmetry.space_group_name_H-M   'P 3 2 1'
#
loop_
_entity.id
_entity.type
_entity.pdbx_description
1 polymer '3-dehydroquinate dehydratase'
2 non-polymer 'SULFATE ION'
3 non-polymer GLYCEROL
4 water water
#
_entity_poly.entity_id   1
_entity_poly.type   'polypeptide(L)'
_entity_poly.pdbx_seq_one_letter_code
;GSHMSKQILVLNGPNLGRLGRREPQIYGTTTHDDLAARLIEYGRELGLDVEVRQTDSEERMMGWIHQAADDRTPVVINPA
AWSHYNIAIADALVQLVAPCIEVHISNIAAREEFRHHSVVSAHVTGTIAGLGLKGYELALSWLATD
;
_entity_poly.pdbx_strand_id   A,B,C,D
#
# COMPACT_ATOMS: atom_id res chain seq x y z
N MET A 4 -9.87 22.97 23.12
CA MET A 4 -9.19 23.58 21.93
C MET A 4 -8.14 22.62 21.37
N SER A 5 -8.26 21.30 21.63
CA SER A 5 -7.20 20.28 21.39
C SER A 5 -7.11 19.97 19.90
N LYS A 6 -5.90 19.92 19.35
CA LYS A 6 -5.65 19.70 17.90
C LYS A 6 -6.01 18.25 17.55
N GLN A 7 -6.91 18.05 16.60
CA GLN A 7 -7.35 16.69 16.16
C GLN A 7 -6.31 16.11 15.21
N ILE A 8 -5.97 14.86 15.43
CA ILE A 8 -4.98 14.06 14.67
C ILE A 8 -5.66 12.72 14.35
N LEU A 9 -5.45 12.20 13.16
CA LEU A 9 -6.00 10.90 12.72
C LEU A 9 -4.81 9.94 12.51
N VAL A 10 -4.85 8.80 13.17
CA VAL A 10 -3.92 7.67 12.94
C VAL A 10 -4.67 6.60 12.16
N LEU A 11 -4.17 6.23 10.99
CA LEU A 11 -4.87 5.29 10.08
C LEU A 11 -3.97 4.09 9.84
N ASN A 12 -4.46 2.89 10.12
CA ASN A 12 -3.67 1.65 9.99
C ASN A 12 -4.31 0.80 8.88
N GLY A 13 -3.48 0.32 7.95
CA GLY A 13 -3.95 -0.45 6.82
C GLY A 13 -3.97 -1.96 7.07
N PRO A 14 -3.86 -2.73 5.98
CA PRO A 14 -4.21 -4.16 6.01
C PRO A 14 -3.31 -4.98 6.93
N ASN A 15 -3.95 -5.98 7.56
CA ASN A 15 -3.28 -6.98 8.44
C ASN A 15 -2.93 -6.36 9.82
N LEU A 16 -3.06 -5.05 10.03
CA LEU A 16 -2.60 -4.44 11.32
C LEU A 16 -3.67 -4.66 12.42
N GLY A 17 -4.89 -5.04 12.05
CA GLY A 17 -5.89 -5.53 13.02
C GLY A 17 -5.44 -6.79 13.72
N ARG A 18 -4.43 -7.49 13.20
CA ARG A 18 -3.87 -8.74 13.77
C ARG A 18 -2.61 -8.48 14.60
N LEU A 19 -2.33 -7.23 14.96
CA LEU A 19 -1.17 -6.95 15.81
C LEU A 19 -1.26 -7.83 17.07
N GLY A 20 -0.13 -8.38 17.50
CA GLY A 20 -0.05 -9.28 18.67
C GLY A 20 -0.04 -10.75 18.26
N ARG A 21 -0.41 -11.08 17.02
CA ARG A 21 -0.59 -12.50 16.60
C ARG A 21 0.73 -13.17 16.15
N ARG A 22 1.57 -12.47 15.38
CA ARG A 22 2.82 -13.04 14.77
C ARG A 22 4.03 -12.08 14.86
N GLU A 23 5.22 -12.64 14.70
CA GLU A 23 6.50 -11.89 14.69
C GLU A 23 6.54 -10.85 15.81
N PRO A 24 6.45 -11.26 17.10
CA PRO A 24 6.49 -10.31 18.22
C PRO A 24 7.78 -9.48 18.32
N GLN A 25 8.90 -10.01 17.83
CA GLN A 25 10.22 -9.34 17.99
C GLN A 25 10.20 -8.08 17.10
N ILE A 26 9.31 -8.06 16.09
CA ILE A 26 9.13 -6.90 15.15
C ILE A 26 7.93 -6.04 15.57
N TYR A 27 6.77 -6.67 15.79
CA TYR A 27 5.44 -6.00 15.88
C TYR A 27 4.95 -5.87 17.31
N GLY A 28 5.59 -6.56 18.25
CA GLY A 28 5.24 -6.52 19.68
C GLY A 28 4.14 -7.53 19.97
N THR A 29 3.74 -7.63 21.24
CA THR A 29 2.73 -8.63 21.70
C THR A 29 1.39 -7.95 22.00
N THR A 30 1.35 -6.63 21.83
CA THR A 30 0.22 -5.67 22.00
CA THR A 30 0.15 -5.77 22.07
C THR A 30 -0.83 -5.90 20.90
N THR A 31 -2.12 -5.77 21.19
CA THR A 31 -3.19 -5.83 20.14
C THR A 31 -3.38 -4.46 19.51
N HIS A 32 -4.15 -4.37 18.44
CA HIS A 32 -4.46 -3.06 17.82
C HIS A 32 -5.26 -2.21 18.82
N ASP A 33 -6.21 -2.79 19.57
CA ASP A 33 -7.00 -2.06 20.58
C ASP A 33 -6.03 -1.44 21.61
N ASP A 34 -5.05 -2.20 22.08
CA ASP A 34 -4.04 -1.73 23.06
C ASP A 34 -3.23 -0.58 22.45
N LEU A 35 -2.79 -0.71 21.20
CA LEU A 35 -2.06 0.39 20.50
C LEU A 35 -2.94 1.64 20.44
N ALA A 36 -4.20 1.52 20.05
CA ALA A 36 -5.11 2.69 19.92
C ALA A 36 -5.20 3.41 21.28
N ALA A 37 -5.47 2.68 22.36
CA ALA A 37 -5.58 3.24 23.74
C ALA A 37 -4.29 4.01 24.08
N ARG A 38 -3.14 3.40 23.82
CA ARG A 38 -1.81 3.97 24.10
C ARG A 38 -1.63 5.29 23.35
N LEU A 39 -1.93 5.32 22.05
CA LEU A 39 -1.70 6.57 21.24
C LEU A 39 -2.69 7.68 21.66
N ILE A 40 -3.93 7.32 22.00
CA ILE A 40 -4.93 8.32 22.48
C ILE A 40 -4.41 8.94 23.78
N GLU A 41 -3.89 8.12 24.69
CA GLU A 41 -3.35 8.59 25.98
C GLU A 41 -2.10 9.45 25.75
N TYR A 42 -1.17 8.97 24.92
CA TYR A 42 0.07 9.72 24.57
C TYR A 42 -0.30 11.08 23.97
N GLY A 43 -1.26 11.09 23.02
CA GLY A 43 -1.77 12.32 22.40
C GLY A 43 -2.31 13.28 23.45
N ARG A 44 -3.14 12.78 24.37
CA ARG A 44 -3.77 13.62 25.43
C ARG A 44 -2.65 14.34 26.21
N GLU A 45 -1.57 13.65 26.55
CA GLU A 45 -0.43 14.19 27.32
C GLU A 45 0.21 15.34 26.54
N LEU A 46 0.18 15.29 25.20
CA LEU A 46 0.73 16.35 24.31
C LEU A 46 -0.31 17.42 23.97
N GLY A 47 -1.53 17.34 24.51
CA GLY A 47 -2.65 18.24 24.14
C GLY A 47 -3.20 17.97 22.75
N LEU A 48 -3.11 16.73 22.27
CA LEU A 48 -3.76 16.30 20.99
C LEU A 48 -5.00 15.44 21.26
N ASP A 49 -5.99 15.58 20.39
CA ASP A 49 -7.24 14.81 20.35
C ASP A 49 -7.06 13.73 19.26
N VAL A 50 -6.64 12.54 19.63
CA VAL A 50 -6.19 11.51 18.64
C VAL A 50 -7.33 10.51 18.41
N GLU A 51 -7.63 10.20 17.15
CA GLU A 51 -8.54 9.11 16.77
C GLU A 51 -7.67 8.07 16.02
N VAL A 52 -7.90 6.80 16.31
CA VAL A 52 -7.11 5.69 15.68
C VAL A 52 -8.09 4.75 15.00
N ARG A 53 -7.86 4.47 13.72
CA ARG A 53 -8.75 3.60 12.91
C ARG A 53 -7.90 2.59 12.14
N GLN A 54 -8.46 1.39 11.95
CA GLN A 54 -7.76 0.32 11.18
C GLN A 54 -8.75 -0.30 10.21
N THR A 55 -8.28 -0.60 9.00
CA THR A 55 -9.13 -1.32 8.01
C THR A 55 -8.26 -2.12 7.06
N ASP A 56 -8.82 -3.22 6.57
CA ASP A 56 -8.28 -4.03 5.48
C ASP A 56 -8.92 -3.60 4.15
N SER A 57 -9.85 -2.63 4.15
CA SER A 57 -10.62 -2.18 2.96
C SER A 57 -9.98 -0.91 2.36
N GLU A 58 -9.49 -0.96 1.13
CA GLU A 58 -8.93 0.26 0.50
C GLU A 58 -10.04 1.30 0.29
N GLU A 59 -11.28 0.91 -0.04
CA GLU A 59 -12.42 1.85 -0.15
C GLU A 59 -12.60 2.61 1.17
N ARG A 60 -12.64 1.89 2.30
CA ARG A 60 -12.87 2.50 3.63
C ARG A 60 -11.69 3.46 3.94
N MET A 61 -10.47 3.02 3.68
CA MET A 61 -9.26 3.83 3.93
C MET A 61 -9.32 5.11 3.06
N MET A 62 -9.62 4.98 1.78
CA MET A 62 -9.72 6.16 0.86
C MET A 62 -10.77 7.13 1.43
N GLY A 63 -11.89 6.64 1.95
CA GLY A 63 -12.92 7.51 2.52
C GLY A 63 -12.40 8.27 3.73
N TRP A 64 -11.62 7.62 4.59
CA TRP A 64 -11.03 8.27 5.78
C TRP A 64 -10.01 9.32 5.35
N ILE A 65 -9.21 9.06 4.32
CA ILE A 65 -8.23 10.03 3.80
C ILE A 65 -8.98 11.22 3.20
N HIS A 66 -10.00 10.99 2.41
CA HIS A 66 -10.82 12.07 1.82
C HIS A 66 -11.39 12.97 2.93
N GLN A 67 -11.88 12.41 4.01
CA GLN A 67 -12.49 13.22 5.10
CA GLN A 67 -12.49 13.20 5.11
C GLN A 67 -11.37 14.02 5.78
N ALA A 68 -10.19 13.44 5.98
CA ALA A 68 -9.06 14.18 6.57
C ALA A 68 -8.63 15.32 5.63
N ALA A 69 -8.68 15.12 4.31
CA ALA A 69 -8.37 16.19 3.33
C ALA A 69 -9.40 17.31 3.53
N ASP A 70 -10.68 16.98 3.59
CA ASP A 70 -11.78 17.99 3.73
C ASP A 70 -11.65 18.74 5.07
N ASP A 71 -11.28 18.05 6.15
CA ASP A 71 -11.23 18.59 7.52
C ASP A 71 -9.86 19.23 7.82
N ARG A 72 -8.87 19.08 6.93
CA ARG A 72 -7.45 19.51 7.17
C ARG A 72 -6.94 18.93 8.49
N THR A 73 -7.20 17.64 8.68
CA THR A 73 -6.72 16.90 9.86
C THR A 73 -5.36 16.29 9.52
N PRO A 74 -4.28 16.56 10.28
CA PRO A 74 -3.02 15.85 10.10
C PRO A 74 -3.23 14.34 10.25
N VAL A 75 -2.51 13.58 9.44
CA VAL A 75 -2.67 12.10 9.37
C VAL A 75 -1.31 11.43 9.64
N VAL A 76 -1.32 10.40 10.48
CA VAL A 76 -0.21 9.44 10.64
C VAL A 76 -0.74 8.12 10.07
N ILE A 77 -0.13 7.65 8.98
CA ILE A 77 -0.66 6.48 8.26
C ILE A 77 0.41 5.38 8.25
N ASN A 78 -0.03 4.16 8.55
CA ASN A 78 0.76 2.94 8.30
C ASN A 78 0.03 2.17 7.22
N PRO A 79 0.42 2.33 5.94
CA PRO A 79 -0.26 1.65 4.84
C PRO A 79 0.05 0.15 4.79
N ALA A 80 0.97 -0.32 5.63
CA ALA A 80 1.38 -1.74 5.69
C ALA A 80 1.67 -2.23 4.26
N ALA A 81 1.18 -3.41 3.84
CA ALA A 81 1.57 -3.99 2.52
C ALA A 81 1.15 -3.08 1.36
N TRP A 82 0.13 -2.24 1.52
CA TRP A 82 -0.26 -1.30 0.44
C TRP A 82 0.91 -0.40 0.05
N SER A 83 1.86 -0.14 0.96
CA SER A 83 3.06 0.69 0.64
C SER A 83 3.78 0.20 -0.59
N HIS A 84 3.75 -1.10 -0.86
CA HIS A 84 4.62 -1.69 -1.92
C HIS A 84 3.97 -1.54 -3.29
N TYR A 85 2.68 -1.17 -3.43
CA TYR A 85 2.05 -1.25 -4.78
C TYR A 85 0.82 -0.35 -4.96
N ASN A 86 0.15 0.07 -3.88
CA ASN A 86 -1.25 0.56 -3.96
C ASN A 86 -1.26 2.03 -4.36
N ILE A 87 -1.29 2.29 -5.66
CA ILE A 87 -1.25 3.68 -6.18
C ILE A 87 -2.59 4.36 -5.86
N ALA A 88 -3.70 3.64 -5.73
CA ALA A 88 -4.99 4.25 -5.34
C ALA A 88 -4.88 4.92 -3.98
N ILE A 89 -4.17 4.29 -3.02
CA ILE A 89 -3.99 4.87 -1.68
C ILE A 89 -3.05 6.07 -1.80
N ALA A 90 -1.97 5.97 -2.57
CA ALA A 90 -1.04 7.09 -2.80
C ALA A 90 -1.77 8.29 -3.43
N ASP A 91 -2.67 8.04 -4.38
CA ASP A 91 -3.46 9.11 -5.04
C ASP A 91 -4.48 9.74 -4.06
N ALA A 92 -4.98 9.03 -3.05
CA ALA A 92 -5.80 9.62 -1.98
C ALA A 92 -4.92 10.55 -1.11
N LEU A 93 -3.76 10.07 -0.73
CA LEU A 93 -2.87 10.80 0.22
C LEU A 93 -2.39 12.10 -0.40
N VAL A 94 -2.24 12.18 -1.73
CA VAL A 94 -1.74 13.42 -2.38
C VAL A 94 -2.78 14.52 -2.16
N GLN A 95 -4.04 14.17 -1.90
CA GLN A 95 -5.10 15.18 -1.69
C GLN A 95 -5.07 15.79 -0.28
N LEU A 96 -4.32 15.21 0.65
CA LEU A 96 -4.24 15.79 2.02
C LEU A 96 -3.58 17.18 1.94
N VAL A 97 -4.08 18.06 2.79
CA VAL A 97 -3.66 19.48 2.88
C VAL A 97 -2.75 19.63 4.09
N ALA A 98 -3.13 19.08 5.24
CA ALA A 98 -2.31 19.18 6.46
C ALA A 98 -1.20 18.11 6.33
N PRO A 99 -0.18 18.14 7.20
CA PRO A 99 0.94 17.20 7.09
C PRO A 99 0.44 15.74 7.19
N CYS A 100 1.25 14.83 6.65
CA CYS A 100 1.01 13.38 6.69
C CYS A 100 2.34 12.68 6.94
N ILE A 101 2.40 11.81 7.94
CA ILE A 101 3.63 11.04 8.27
C ILE A 101 3.34 9.58 8.05
N GLU A 102 4.13 8.95 7.19
CA GLU A 102 4.05 7.47 6.94
C GLU A 102 4.86 6.77 8.02
N VAL A 103 4.29 5.76 8.67
CA VAL A 103 4.98 4.96 9.72
C VAL A 103 5.01 3.49 9.32
N HIS A 104 6.18 2.88 9.35
CA HIS A 104 6.35 1.40 9.27
C HIS A 104 6.92 0.92 10.58
N ILE A 105 6.27 -0.05 11.23
CA ILE A 105 6.74 -0.65 12.51
C ILE A 105 8.08 -1.33 12.27
N SER A 106 8.17 -2.11 11.18
CA SER A 106 9.38 -2.88 10.86
C SER A 106 10.37 -2.03 10.03
N ASN A 107 11.61 -2.45 10.00
CA ASN A 107 12.66 -1.83 9.17
C ASN A 107 12.51 -2.42 7.77
N ILE A 108 11.73 -1.79 6.91
CA ILE A 108 11.40 -2.39 5.58
C ILE A 108 12.68 -2.50 4.72
N ALA A 109 13.69 -1.66 4.95
CA ALA A 109 14.98 -1.75 4.21
C ALA A 109 15.73 -3.05 4.54
N ALA A 110 15.48 -3.65 5.69
CA ALA A 110 16.21 -4.84 6.20
C ALA A 110 15.52 -6.13 5.76
N ARG A 111 14.37 -6.03 5.09
CA ARG A 111 13.52 -7.18 4.71
C ARG A 111 13.76 -7.55 3.24
N GLU A 112 12.89 -8.38 2.67
CA GLU A 112 13.00 -8.81 1.26
C GLU A 112 12.97 -7.58 0.34
N GLU A 113 13.54 -7.70 -0.85
CA GLU A 113 13.69 -6.57 -1.81
C GLU A 113 12.30 -6.04 -2.20
N PHE A 114 11.27 -6.89 -2.29
CA PHE A 114 9.90 -6.47 -2.67
C PHE A 114 9.32 -5.52 -1.61
N ARG A 115 9.92 -5.43 -0.42
CA ARG A 115 9.42 -4.55 0.67
C ARG A 115 10.20 -3.23 0.73
N HIS A 116 11.28 -3.06 -0.02
CA HIS A 116 12.18 -1.89 0.12
C HIS A 116 11.49 -0.62 -0.40
N HIS A 117 10.76 -0.71 -1.50
CA HIS A 117 10.18 0.50 -2.14
C HIS A 117 8.80 0.78 -1.56
N SER A 118 8.57 2.04 -1.11
CA SER A 118 7.22 2.53 -0.77
C SER A 118 6.73 3.47 -1.85
N VAL A 119 5.54 3.20 -2.40
CA VAL A 119 4.87 4.08 -3.39
C VAL A 119 4.23 5.28 -2.67
N VAL A 120 4.17 5.27 -1.34
CA VAL A 120 3.56 6.34 -0.52
C VAL A 120 4.59 7.43 -0.18
N SER A 121 5.86 7.06 0.04
CA SER A 121 6.84 7.99 0.71
C SER A 121 7.01 9.31 -0.06
N ALA A 122 6.96 9.31 -1.42
CA ALA A 122 7.22 10.54 -2.22
C ALA A 122 6.07 11.55 -1.98
N HIS A 123 4.91 11.09 -1.53
CA HIS A 123 3.63 11.85 -1.53
C HIS A 123 3.27 12.37 -0.15
N VAL A 124 4.07 12.11 0.87
CA VAL A 124 3.71 12.52 2.28
C VAL A 124 4.81 13.45 2.76
N THR A 125 4.63 14.02 3.94
CA THR A 125 5.62 14.95 4.52
C THR A 125 6.94 14.22 4.78
N GLY A 126 6.84 13.07 5.45
CA GLY A 126 8.03 12.28 5.80
C GLY A 126 7.65 10.91 6.29
N THR A 127 8.67 10.13 6.65
CA THR A 127 8.52 8.67 6.89
CA THR A 127 8.53 8.67 6.88
C THR A 127 9.36 8.26 8.10
N ILE A 128 8.82 7.39 8.90
CA ILE A 128 9.51 6.78 10.06
C ILE A 128 9.42 5.28 9.86
N ALA A 129 10.52 4.55 9.86
CA ALA A 129 10.51 3.08 9.64
C ALA A 129 11.44 2.37 10.63
N GLY A 130 11.03 1.24 11.20
CA GLY A 130 11.93 0.37 11.95
C GLY A 130 11.99 0.70 13.41
N LEU A 131 11.22 1.68 13.88
CA LEU A 131 11.31 2.15 15.28
C LEU A 131 10.16 1.60 16.11
N GLY A 132 9.51 0.55 15.60
CA GLY A 132 8.46 -0.22 16.30
C GLY A 132 7.24 0.61 16.58
N LEU A 133 6.47 0.23 17.58
CA LEU A 133 5.19 0.93 17.87
C LEU A 133 5.48 2.38 18.31
N LYS A 134 6.65 2.59 18.86
CA LYS A 134 7.10 3.93 19.29
C LYS A 134 7.15 4.87 18.09
N GLY A 135 7.30 4.37 16.86
CA GLY A 135 7.29 5.24 15.67
C GLY A 135 6.05 6.12 15.60
N TYR A 136 4.88 5.56 15.97
CA TYR A 136 3.62 6.32 15.97
C TYR A 136 3.72 7.49 16.96
N GLU A 137 4.32 7.25 18.13
CA GLU A 137 4.47 8.29 19.18
C GLU A 137 5.39 9.39 18.68
N LEU A 138 6.45 9.05 17.96
CA LEU A 138 7.34 10.07 17.36
C LEU A 138 6.56 10.94 16.38
N ALA A 139 5.74 10.33 15.54
CA ALA A 139 4.89 11.07 14.56
C ALA A 139 4.00 12.07 15.34
N LEU A 140 3.35 11.61 16.41
CA LEU A 140 2.48 12.49 17.24
C LEU A 140 3.31 13.63 17.86
N SER A 141 4.49 13.33 18.41
CA SER A 141 5.43 14.34 18.99
C SER A 141 5.74 15.40 17.93
N TRP A 142 6.00 15.00 16.68
CA TRP A 142 6.30 15.96 15.61
C TRP A 142 5.08 16.88 15.38
N LEU A 143 3.89 16.31 15.35
CA LEU A 143 2.64 17.03 15.03
C LEU A 143 2.22 17.94 16.21
N ALA A 144 2.68 17.64 17.42
CA ALA A 144 2.34 18.41 18.64
C ALA A 144 2.94 19.83 18.59
N THR A 145 4.07 20.00 17.91
CA THR A 145 4.87 21.26 17.89
C THR A 145 4.82 21.89 16.49
N ASP A 146 4.21 21.22 15.51
CA ASP A 146 4.01 21.77 14.14
C ASP A 146 2.91 22.84 14.23
N SER B 2 -30.90 12.72 -31.68
CA SER B 2 -31.30 13.22 -30.31
C SER B 2 -32.36 12.31 -29.68
N HIS B 3 -32.52 11.07 -30.16
CA HIS B 3 -33.47 10.05 -29.64
C HIS B 3 -32.71 9.05 -28.75
N MET B 4 -32.85 9.16 -27.42
CA MET B 4 -31.97 8.54 -26.39
C MET B 4 -32.36 7.06 -26.15
N SER B 5 -31.70 6.12 -26.85
CA SER B 5 -32.06 4.67 -26.84
C SER B 5 -30.87 3.72 -26.65
N LYS B 6 -29.72 3.85 -27.35
CA LYS B 6 -28.58 2.92 -27.18
C LYS B 6 -27.95 3.14 -25.80
N GLN B 7 -27.89 2.12 -24.94
CA GLN B 7 -27.40 2.30 -23.55
C GLN B 7 -25.86 2.25 -23.55
N ILE B 8 -25.27 3.18 -22.81
CA ILE B 8 -23.79 3.30 -22.62
C ILE B 8 -23.55 3.39 -21.12
N LEU B 9 -22.49 2.76 -20.61
CA LEU B 9 -22.12 2.84 -19.19
C LEU B 9 -20.78 3.57 -19.07
N VAL B 10 -20.77 4.63 -18.27
CA VAL B 10 -19.51 5.36 -17.93
C VAL B 10 -19.17 4.98 -16.49
N LEU B 11 -17.99 4.41 -16.28
CA LEU B 11 -17.56 3.89 -14.97
C LEU B 11 -16.31 4.62 -14.53
N ASN B 12 -16.36 5.25 -13.37
CA ASN B 12 -15.22 6.03 -12.83
C ASN B 12 -14.68 5.31 -11.59
N GLY B 13 -13.38 5.12 -11.54
CA GLY B 13 -12.73 4.42 -10.44
C GLY B 13 -12.24 5.34 -9.34
N PRO B 14 -11.19 4.91 -8.60
CA PRO B 14 -10.93 5.47 -7.27
C PRO B 14 -10.51 6.94 -7.29
N ASN B 15 -10.96 7.67 -6.28
CA ASN B 15 -10.62 9.09 -6.04
C ASN B 15 -11.42 10.03 -6.98
N LEU B 16 -12.13 9.53 -7.99
CA LEU B 16 -12.86 10.41 -8.95
C LEU B 16 -14.14 10.96 -8.33
N GLY B 17 -14.63 10.38 -7.24
CA GLY B 17 -15.75 10.96 -6.47
C GLY B 17 -15.39 12.32 -5.89
N ARG B 18 -14.09 12.60 -5.77
CA ARG B 18 -13.60 13.88 -5.19
C ARG B 18 -13.23 14.89 -6.29
N LEU B 19 -13.65 14.67 -7.53
CA LEU B 19 -13.44 15.65 -8.61
C LEU B 19 -13.94 17.02 -8.13
N GLY B 20 -13.20 18.07 -8.44
CA GLY B 20 -13.53 19.43 -8.00
C GLY B 20 -12.64 19.86 -6.87
N ARG B 21 -12.35 18.97 -5.91
CA ARG B 21 -11.42 19.19 -4.78
C ARG B 21 -10.10 18.47 -5.02
N ARG B 22 -10.11 17.41 -5.84
CA ARG B 22 -8.94 16.54 -6.10
C ARG B 22 -8.01 17.30 -7.02
N GLU B 23 -6.87 17.81 -6.52
CA GLU B 23 -5.78 18.42 -7.36
C GLU B 23 -6.38 19.20 -8.53
N PRO B 24 -7.11 20.30 -8.27
CA PRO B 24 -7.88 20.98 -9.33
C PRO B 24 -7.01 21.59 -10.46
N GLN B 25 -5.74 21.86 -10.18
CA GLN B 25 -4.77 22.40 -11.18
C GLN B 25 -4.54 21.35 -12.28
N ILE B 26 -4.78 20.06 -11.97
CA ILE B 26 -4.65 18.90 -12.90
C ILE B 26 -6.02 18.52 -13.47
N TYR B 27 -7.04 18.34 -12.61
CA TYR B 27 -8.32 17.66 -12.98
C TYR B 27 -9.48 18.65 -13.16
N GLY B 28 -9.30 19.91 -12.79
CA GLY B 28 -10.32 20.97 -13.01
C GLY B 28 -11.22 21.10 -11.79
N THR B 29 -12.25 21.95 -11.86
CA THR B 29 -13.05 22.40 -10.68
C THR B 29 -14.47 21.83 -10.77
N THR B 30 -14.80 21.08 -11.83
CA THR B 30 -16.15 20.45 -12.01
C THR B 30 -16.30 19.29 -11.01
N THR B 31 -17.43 19.13 -10.34
CA THR B 31 -17.65 17.97 -9.41
C THR B 31 -18.04 16.71 -10.18
N HIS B 32 -18.03 15.53 -9.52
CA HIS B 32 -18.42 14.29 -10.20
C HIS B 32 -19.92 14.40 -10.58
N ASP B 33 -20.75 14.97 -9.69
CA ASP B 33 -22.19 15.14 -9.98
C ASP B 33 -22.36 15.99 -11.26
N ASP B 34 -21.62 17.09 -11.38
CA ASP B 34 -21.64 18.02 -12.55
C ASP B 34 -21.23 17.21 -13.81
N LEU B 35 -20.15 16.43 -13.72
CA LEU B 35 -19.68 15.61 -14.87
C LEU B 35 -20.78 14.62 -15.28
N ALA B 36 -21.40 13.92 -14.34
CA ALA B 36 -22.42 12.90 -14.67
C ALA B 36 -23.57 13.58 -15.43
N ALA B 37 -24.08 14.70 -14.91
CA ALA B 37 -25.19 15.46 -15.56
C ALA B 37 -24.79 15.83 -17.00
N ARG B 38 -23.58 16.37 -17.17
CA ARG B 38 -23.03 16.80 -18.47
CA ARG B 38 -23.02 16.79 -18.47
C ARG B 38 -23.01 15.62 -19.46
N LEU B 39 -22.49 14.46 -19.04
CA LEU B 39 -22.36 13.30 -19.99
C LEU B 39 -23.73 12.75 -20.37
N ILE B 40 -24.67 12.75 -19.43
CA ILE B 40 -26.06 12.25 -19.69
C ILE B 40 -26.68 13.18 -20.73
N GLU B 41 -26.54 14.50 -20.55
CA GLU B 41 -27.09 15.53 -21.49
C GLU B 41 -26.42 15.39 -22.85
N TYR B 42 -25.09 15.29 -22.90
CA TYR B 42 -24.33 15.16 -24.16
C TYR B 42 -24.77 13.87 -24.87
N GLY B 43 -24.88 12.76 -24.13
CA GLY B 43 -25.36 11.48 -24.65
C GLY B 43 -26.73 11.62 -25.28
N ARG B 44 -27.66 12.28 -24.58
CA ARG B 44 -29.05 12.48 -25.07
C ARG B 44 -29.01 13.17 -26.44
N GLU B 45 -28.16 14.17 -26.62
CA GLU B 45 -28.01 14.92 -27.89
C GLU B 45 -27.58 13.96 -29.01
N LEU B 46 -26.80 12.91 -28.68
CA LEU B 46 -26.30 11.90 -29.64
C LEU B 46 -27.27 10.71 -29.77
N GLY B 47 -28.41 10.73 -29.07
CA GLY B 47 -29.37 9.61 -29.03
C GLY B 47 -28.84 8.42 -28.24
N LEU B 48 -28.00 8.69 -27.23
CA LEU B 48 -27.51 7.65 -26.30
C LEU B 48 -28.20 7.81 -24.94
N ASP B 49 -28.46 6.68 -24.29
CA ASP B 49 -29.00 6.59 -22.92
C ASP B 49 -27.80 6.30 -21.99
N VAL B 50 -27.23 7.34 -21.39
CA VAL B 50 -25.93 7.21 -20.67
C VAL B 50 -26.20 7.05 -19.17
N GLU B 51 -25.53 6.09 -18.52
CA GLU B 51 -25.54 5.97 -17.06
C GLU B 51 -24.09 6.24 -16.59
N VAL B 52 -23.93 7.01 -15.54
CA VAL B 52 -22.57 7.32 -15.00
C VAL B 52 -22.48 6.84 -13.55
N ARG B 53 -21.46 6.05 -13.25
CA ARG B 53 -21.29 5.44 -11.93
C ARG B 53 -19.85 5.66 -11.47
N GLN B 54 -19.65 5.89 -10.18
CA GLN B 54 -18.28 6.06 -9.60
C GLN B 54 -18.15 5.21 -8.36
N THR B 55 -16.99 4.57 -8.18
CA THR B 55 -16.74 3.80 -6.94
C THR B 55 -15.26 3.77 -6.61
N ASP B 56 -14.97 3.71 -5.32
CA ASP B 56 -13.60 3.46 -4.79
C ASP B 56 -13.42 1.95 -4.52
N SER B 57 -14.48 1.13 -4.71
CA SER B 57 -14.52 -0.32 -4.39
C SER B 57 -14.19 -1.14 -5.65
N GLU B 58 -13.09 -1.87 -5.67
CA GLU B 58 -12.79 -2.73 -6.84
C GLU B 58 -13.85 -3.84 -6.97
N GLU B 59 -14.35 -4.38 -5.86
CA GLU B 59 -15.44 -5.39 -5.89
C GLU B 59 -16.65 -4.81 -6.64
N ARG B 60 -17.09 -3.60 -6.27
CA ARG B 60 -18.29 -2.99 -6.89
C ARG B 60 -18.01 -2.74 -8.38
N MET B 61 -16.83 -2.20 -8.73
CA MET B 61 -16.45 -1.95 -10.14
C MET B 61 -16.49 -3.26 -10.93
N MET B 62 -15.87 -4.32 -10.41
CA MET B 62 -15.85 -5.64 -11.08
C MET B 62 -17.30 -6.08 -11.34
N GLY B 63 -18.19 -5.94 -10.36
CA GLY B 63 -19.60 -6.31 -10.53
C GLY B 63 -20.26 -5.57 -11.68
N TRP B 64 -20.01 -4.25 -11.76
CA TRP B 64 -20.54 -3.40 -12.86
C TRP B 64 -20.03 -3.87 -14.22
N ILE B 65 -18.73 -4.19 -14.29
CA ILE B 65 -18.11 -4.70 -15.55
C ILE B 65 -18.74 -6.06 -15.93
N HIS B 66 -18.86 -6.97 -14.98
CA HIS B 66 -19.48 -8.30 -15.25
C HIS B 66 -20.88 -8.11 -15.86
N GLN B 67 -21.68 -7.22 -15.29
CA GLN B 67 -23.07 -7.01 -15.77
C GLN B 67 -23.04 -6.38 -17.17
N ALA B 68 -22.15 -5.44 -17.44
CA ALA B 68 -22.00 -4.86 -18.80
C ALA B 68 -21.59 -5.95 -19.82
N ALA B 69 -20.77 -6.94 -19.41
CA ALA B 69 -20.39 -8.08 -20.26
C ALA B 69 -21.69 -8.83 -20.65
N ASP B 70 -22.53 -9.12 -19.66
CA ASP B 70 -23.78 -9.92 -19.87
C ASP B 70 -24.80 -9.12 -20.69
N ASP B 71 -24.86 -7.82 -20.48
CA ASP B 71 -25.81 -6.88 -21.14
C ASP B 71 -25.31 -6.44 -22.52
N ARG B 72 -24.03 -6.70 -22.85
CA ARG B 72 -23.37 -6.27 -24.11
C ARG B 72 -23.46 -4.74 -24.19
N THR B 73 -23.24 -4.06 -23.07
CA THR B 73 -23.32 -2.59 -23.00
C THR B 73 -21.92 -2.05 -23.25
N PRO B 74 -21.72 -1.15 -24.22
CA PRO B 74 -20.44 -0.45 -24.35
C PRO B 74 -20.09 0.33 -23.07
N VAL B 75 -18.81 0.30 -22.71
CA VAL B 75 -18.29 0.91 -21.47
C VAL B 75 -17.23 1.97 -21.78
N VAL B 76 -17.33 3.10 -21.10
CA VAL B 76 -16.26 4.12 -21.04
C VAL B 76 -15.76 4.06 -19.62
N ILE B 77 -14.50 3.71 -19.42
CA ILE B 77 -13.98 3.51 -18.06
C ILE B 77 -12.80 4.44 -17.85
N ASN B 78 -12.80 5.11 -16.70
CA ASN B 78 -11.60 5.80 -16.17
C ASN B 78 -11.18 5.04 -14.92
N PRO B 79 -10.21 4.11 -15.03
CA PRO B 79 -9.75 3.31 -13.90
C PRO B 79 -8.88 4.10 -12.93
N ALA B 80 -8.55 5.35 -13.27
CA ALA B 80 -7.70 6.24 -12.45
C ALA B 80 -6.48 5.44 -11.97
N ALA B 81 -6.09 5.51 -10.71
CA ALA B 81 -4.82 4.90 -10.26
C ALA B 81 -4.79 3.39 -10.47
N TRP B 82 -5.94 2.72 -10.53
CA TRP B 82 -5.98 1.27 -10.82
C TRP B 82 -5.26 0.96 -12.14
N SER B 83 -5.19 1.92 -13.08
CA SER B 83 -4.59 1.71 -14.42
C SER B 83 -3.16 1.24 -14.26
N HIS B 84 -2.47 1.63 -13.20
CA HIS B 84 -1.00 1.41 -13.12
C HIS B 84 -0.68 -0.03 -12.67
N TYR B 85 -1.62 -0.78 -12.09
CA TYR B 85 -1.24 -2.05 -11.42
C TYR B 85 -2.37 -3.09 -11.31
N ASN B 86 -3.64 -2.71 -11.39
CA ASN B 86 -4.78 -3.54 -10.92
C ASN B 86 -5.14 -4.55 -12.00
N ILE B 87 -4.50 -5.71 -11.96
CA ILE B 87 -4.76 -6.77 -12.97
C ILE B 87 -6.13 -7.36 -12.73
N ALA B 88 -6.69 -7.33 -11.50
CA ALA B 88 -8.07 -7.83 -11.27
C ALA B 88 -9.07 -7.01 -12.12
N ILE B 89 -8.90 -5.70 -12.20
CA ILE B 89 -9.78 -4.81 -13.01
C ILE B 89 -9.52 -5.11 -14.49
N ALA B 90 -8.26 -5.27 -14.91
CA ALA B 90 -7.95 -5.59 -16.32
C ALA B 90 -8.62 -6.91 -16.72
N ASP B 91 -8.57 -7.91 -15.84
CA ASP B 91 -9.12 -9.24 -16.12
C ASP B 91 -10.64 -9.20 -16.15
N ALA B 92 -11.31 -8.30 -15.42
CA ALA B 92 -12.77 -8.08 -15.56
C ALA B 92 -13.08 -7.51 -16.94
N LEU B 93 -12.31 -6.52 -17.38
CA LEU B 93 -12.57 -5.82 -18.66
C LEU B 93 -12.42 -6.78 -19.83
N VAL B 94 -11.58 -7.81 -19.71
CA VAL B 94 -11.40 -8.82 -20.79
C VAL B 94 -12.73 -9.56 -21.04
N GLN B 95 -13.63 -9.58 -20.07
CA GLN B 95 -14.95 -10.27 -20.21
C GLN B 95 -15.93 -9.45 -21.07
N LEU B 96 -15.69 -8.14 -21.24
CA LEU B 96 -16.59 -7.31 -22.06
C LEU B 96 -16.61 -7.79 -23.51
N VAL B 97 -17.77 -7.67 -24.15
CA VAL B 97 -17.95 -8.10 -25.57
C VAL B 97 -18.05 -6.86 -26.45
N ALA B 98 -18.92 -5.94 -26.09
CA ALA B 98 -19.12 -4.64 -26.77
C ALA B 98 -17.87 -3.78 -26.49
N PRO B 99 -17.65 -2.72 -27.29
CA PRO B 99 -16.42 -1.93 -27.18
C PRO B 99 -16.28 -1.33 -25.78
N CYS B 100 -15.04 -1.02 -25.45
CA CYS B 100 -14.66 -0.38 -24.18
C CYS B 100 -13.57 0.68 -24.45
N ILE B 101 -13.78 1.90 -23.99
CA ILE B 101 -12.80 2.99 -24.18
C ILE B 101 -12.30 3.42 -22.82
N GLU B 102 -10.99 3.36 -22.63
CA GLU B 102 -10.30 3.85 -21.42
C GLU B 102 -10.10 5.37 -21.54
N VAL B 103 -10.46 6.15 -20.52
CA VAL B 103 -10.23 7.63 -20.50
C VAL B 103 -9.38 8.01 -19.29
N HIS B 104 -8.35 8.82 -19.50
CA HIS B 104 -7.56 9.47 -18.43
C HIS B 104 -7.76 10.99 -18.63
N ILE B 105 -8.15 11.72 -17.59
CA ILE B 105 -8.40 13.17 -17.71
C ILE B 105 -7.05 13.85 -17.99
N SER B 106 -6.01 13.45 -17.26
CA SER B 106 -4.66 14.06 -17.32
C SER B 106 -3.84 13.32 -18.38
N ASN B 107 -2.79 13.98 -18.86
CA ASN B 107 -1.82 13.40 -19.82
C ASN B 107 -0.83 12.59 -18.99
N ILE B 108 -1.11 11.31 -18.80
CA ILE B 108 -0.32 10.42 -17.90
C ILE B 108 1.12 10.33 -18.40
N ALA B 109 1.36 10.49 -19.72
CA ALA B 109 2.73 10.37 -20.27
C ALA B 109 3.59 11.57 -19.80
N ALA B 110 2.97 12.70 -19.42
CA ALA B 110 3.68 13.94 -19.05
C ALA B 110 3.93 13.98 -17.54
N ARG B 111 3.46 12.99 -16.77
CA ARG B 111 3.57 12.96 -15.28
C ARG B 111 4.71 12.04 -14.84
N GLU B 112 4.75 11.67 -13.56
CA GLU B 112 5.83 10.78 -13.01
C GLU B 112 5.86 9.46 -13.77
N GLU B 113 7.02 8.80 -13.79
CA GLU B 113 7.22 7.53 -14.54
C GLU B 113 6.24 6.45 -14.04
N PHE B 114 5.91 6.42 -12.74
CA PHE B 114 4.99 5.38 -12.17
C PHE B 114 3.58 5.52 -12.80
N ARG B 115 3.26 6.67 -13.44
CA ARG B 115 1.92 6.88 -14.02
C ARG B 115 1.91 6.56 -15.54
N HIS B 116 3.07 6.31 -16.16
CA HIS B 116 3.12 6.18 -17.65
C HIS B 116 2.42 4.93 -18.15
N HIS B 117 2.55 3.80 -17.46
CA HIS B 117 2.06 2.51 -18.02
C HIS B 117 0.64 2.25 -17.52
N SER B 118 -0.28 1.91 -18.42
CA SER B 118 -1.60 1.34 -18.06
C SER B 118 -1.67 -0.15 -18.34
N VAL B 119 -2.03 -0.93 -17.34
CA VAL B 119 -2.28 -2.40 -17.45
C VAL B 119 -3.63 -2.65 -18.14
N VAL B 120 -4.46 -1.60 -18.29
CA VAL B 120 -5.82 -1.70 -18.90
C VAL B 120 -5.74 -1.57 -20.43
N SER B 121 -4.85 -0.72 -20.94
CA SER B 121 -4.88 -0.28 -22.36
C SER B 121 -4.85 -1.44 -23.37
N ALA B 122 -4.09 -2.51 -23.10
CA ALA B 122 -3.96 -3.64 -24.03
C ALA B 122 -5.29 -4.40 -24.16
N HIS B 123 -6.19 -4.28 -23.19
CA HIS B 123 -7.38 -5.14 -23.01
C HIS B 123 -8.67 -4.41 -23.43
N VAL B 124 -8.59 -3.16 -23.90
CA VAL B 124 -9.77 -2.36 -24.30
C VAL B 124 -9.66 -2.03 -25.78
N THR B 125 -10.70 -1.43 -26.33
CA THR B 125 -10.72 -0.98 -27.75
C THR B 125 -9.64 0.07 -28.00
N GLY B 126 -9.61 1.09 -27.14
CA GLY B 126 -8.68 2.22 -27.28
C GLY B 126 -8.73 3.11 -26.08
N THR B 127 -7.88 4.13 -26.10
CA THR B 127 -7.58 4.97 -24.92
C THR B 127 -7.52 6.44 -25.35
N ILE B 128 -8.08 7.29 -24.52
CA ILE B 128 -7.99 8.77 -24.68
C ILE B 128 -7.33 9.30 -23.41
N ALA B 129 -6.26 10.08 -23.52
CA ALA B 129 -5.54 10.62 -22.36
C ALA B 129 -5.19 12.10 -22.56
N GLY B 130 -5.39 12.91 -21.53
CA GLY B 130 -4.86 14.29 -21.54
C GLY B 130 -5.82 15.30 -22.13
N LEU B 131 -7.03 14.89 -22.50
CA LEU B 131 -8.00 15.79 -23.17
C LEU B 131 -9.06 16.27 -22.18
N GLY B 132 -8.75 16.17 -20.88
CA GLY B 132 -9.62 16.66 -19.79
C GLY B 132 -10.96 15.95 -19.75
N LEU B 133 -11.97 16.60 -19.18
CA LEU B 133 -13.32 15.98 -19.06
C LEU B 133 -13.93 15.80 -20.46
N LYS B 134 -13.49 16.61 -21.44
CA LYS B 134 -13.94 16.46 -22.83
C LYS B 134 -13.57 15.09 -23.38
N GLY B 135 -12.56 14.41 -22.82
CA GLY B 135 -12.21 13.06 -23.33
C GLY B 135 -13.39 12.09 -23.20
N TYR B 136 -14.22 12.23 -22.14
CA TYR B 136 -15.41 11.38 -21.95
C TYR B 136 -16.39 11.64 -23.11
N GLU B 137 -16.57 12.90 -23.50
CA GLU B 137 -17.49 13.26 -24.59
C GLU B 137 -16.98 12.70 -25.92
N LEU B 138 -15.67 12.72 -26.15
CA LEU B 138 -15.10 12.10 -27.36
C LEU B 138 -15.42 10.61 -27.39
N ALA B 139 -15.28 9.92 -26.26
CA ALA B 139 -15.57 8.48 -26.17
C ALA B 139 -17.04 8.26 -26.56
N LEU B 140 -17.96 9.07 -26.03
CA LEU B 140 -19.41 8.94 -26.35
C LEU B 140 -19.63 9.19 -27.85
N SER B 141 -19.01 10.23 -28.42
CA SER B 141 -19.07 10.55 -29.87
C SER B 141 -18.63 9.32 -30.68
N TRP B 142 -17.53 8.68 -30.28
CA TRP B 142 -17.08 7.45 -30.96
C TRP B 142 -18.17 6.36 -30.96
N LEU B 143 -18.80 6.15 -29.80
CA LEU B 143 -19.77 5.05 -29.55
C LEU B 143 -21.10 5.37 -30.26
N ALA B 144 -21.38 6.64 -30.53
CA ALA B 144 -22.65 7.11 -31.14
C ALA B 144 -22.74 6.63 -32.60
N THR B 145 -21.61 6.44 -33.28
CA THR B 145 -21.53 6.16 -34.73
C THR B 145 -21.01 4.74 -34.98
N ASP B 146 -20.63 4.00 -33.93
CA ASP B 146 -20.12 2.61 -34.05
C ASP B 146 -21.30 1.67 -34.34
N HIS C 3 -18.17 -35.53 11.67
CA HIS C 3 -17.56 -36.37 12.74
C HIS C 3 -16.15 -35.84 13.01
N MET C 4 -15.13 -36.71 12.99
CA MET C 4 -13.69 -36.33 13.15
C MET C 4 -13.11 -35.92 11.79
N SER C 5 -13.95 -35.46 10.86
CA SER C 5 -13.60 -35.19 9.44
C SER C 5 -12.79 -33.88 9.37
N LYS C 6 -11.67 -33.89 8.64
CA LYS C 6 -10.71 -32.75 8.64
C LYS C 6 -11.35 -31.60 7.86
N GLN C 7 -11.44 -30.41 8.45
CA GLN C 7 -12.00 -29.23 7.75
C GLN C 7 -10.91 -28.61 6.84
N ILE C 8 -11.31 -28.27 5.64
CA ILE C 8 -10.44 -27.64 4.59
C ILE C 8 -11.19 -26.45 4.04
N LEU C 9 -10.48 -25.34 3.78
CA LEU C 9 -11.08 -24.14 3.18
C LEU C 9 -10.52 -23.93 1.79
N VAL C 10 -11.38 -23.85 0.79
CA VAL C 10 -11.00 -23.50 -0.60
C VAL C 10 -11.46 -22.06 -0.85
N LEU C 11 -10.50 -21.17 -1.15
CA LEU C 11 -10.79 -19.72 -1.29
C LEU C 11 -10.47 -19.28 -2.72
N ASN C 12 -11.44 -18.71 -3.41
CA ASN C 12 -11.26 -18.26 -4.80
C ASN C 12 -11.36 -16.75 -4.85
N GLY C 13 -10.39 -16.11 -5.51
CA GLY C 13 -10.34 -14.65 -5.56
C GLY C 13 -11.03 -14.08 -6.78
N PRO C 14 -10.57 -12.89 -7.25
CA PRO C 14 -11.39 -12.08 -8.14
C PRO C 14 -11.63 -12.71 -9.51
N ASN C 15 -12.83 -12.46 -10.02
CA ASN C 15 -13.32 -12.89 -11.36
C ASN C 15 -13.70 -14.38 -11.36
N LEU C 16 -13.43 -15.16 -10.31
CA LEU C 16 -13.69 -16.63 -10.36
C LEU C 16 -15.19 -16.93 -10.12
N GLY C 17 -15.96 -15.95 -9.63
CA GLY C 17 -17.43 -16.04 -9.60
C GLY C 17 -18.00 -16.11 -11.02
N ARG C 18 -17.22 -15.74 -12.06
CA ARG C 18 -17.62 -15.79 -13.49
C ARG C 18 -17.16 -17.06 -14.19
N LEU C 19 -16.72 -18.08 -13.47
CA LEU C 19 -16.28 -19.34 -14.13
C LEU C 19 -17.43 -19.85 -14.99
N GLY C 20 -17.13 -20.35 -16.19
CA GLY C 20 -18.17 -20.81 -17.12
C GLY C 20 -18.44 -19.82 -18.22
N ARG C 21 -18.30 -18.50 -17.96
CA ARG C 21 -18.60 -17.44 -18.96
CA ARG C 21 -18.60 -17.44 -18.96
C ARG C 21 -17.36 -17.12 -19.81
N ARG C 22 -16.16 -17.40 -19.28
CA ARG C 22 -14.84 -16.99 -19.85
C ARG C 22 -14.33 -17.96 -20.95
N GLU C 23 -13.01 -18.13 -21.06
CA GLU C 23 -12.33 -18.85 -22.18
C GLU C 23 -12.42 -20.36 -21.94
N PRO C 24 -13.46 -21.03 -22.48
CA PRO C 24 -13.81 -22.38 -22.03
C PRO C 24 -12.74 -23.46 -22.25
N GLN C 25 -11.89 -23.29 -23.27
CA GLN C 25 -10.83 -24.29 -23.62
C GLN C 25 -9.82 -24.36 -22.48
N ILE C 26 -9.71 -23.28 -21.70
CA ILE C 26 -8.77 -23.12 -20.54
C ILE C 26 -9.53 -23.39 -19.22
N TYR C 27 -10.67 -22.72 -19.00
CA TYR C 27 -11.35 -22.61 -17.69
C TYR C 27 -12.53 -23.57 -17.55
N GLY C 28 -12.98 -24.15 -18.66
CA GLY C 28 -14.15 -25.03 -18.71
C GLY C 28 -15.42 -24.21 -18.85
N THR C 29 -16.53 -24.89 -18.99
CA THR C 29 -17.90 -24.31 -19.00
C THR C 29 -18.57 -24.55 -17.63
N THR C 30 -17.85 -25.16 -16.69
CA THR C 30 -18.28 -25.38 -15.28
C THR C 30 -18.42 -24.03 -14.56
N THR C 31 -19.53 -23.81 -13.85
CA THR C 31 -19.76 -22.57 -13.06
C THR C 31 -19.06 -22.68 -11.71
N HIS C 32 -18.92 -21.57 -10.98
CA HIS C 32 -18.36 -21.62 -9.62
C HIS C 32 -19.23 -22.50 -8.70
N ASP C 33 -20.56 -22.41 -8.81
CA ASP C 33 -21.48 -23.27 -8.02
C ASP C 33 -21.20 -24.74 -8.31
N ASP C 34 -21.04 -25.12 -9.58
CA ASP C 34 -20.72 -26.52 -10.01
C ASP C 34 -19.39 -26.93 -9.38
N LEU C 35 -18.37 -26.06 -9.46
CA LEU C 35 -17.02 -26.37 -8.90
C LEU C 35 -17.16 -26.61 -7.40
N ALA C 36 -17.86 -25.75 -6.66
CA ALA C 36 -17.99 -25.88 -5.20
C ALA C 36 -18.60 -27.24 -4.87
N ALA C 37 -19.72 -27.59 -5.50
CA ALA C 37 -20.44 -28.88 -5.28
C ALA C 37 -19.48 -30.05 -5.53
N ARG C 38 -18.72 -30.00 -6.62
CA ARG C 38 -17.74 -31.03 -7.03
C ARG C 38 -16.69 -31.22 -5.94
N LEU C 39 -16.07 -30.13 -5.46
CA LEU C 39 -14.99 -30.23 -4.45
C LEU C 39 -15.55 -30.75 -3.11
N ILE C 40 -16.75 -30.34 -2.73
CA ILE C 40 -17.38 -30.78 -1.45
C ILE C 40 -17.58 -32.29 -1.53
N GLU C 41 -18.11 -32.76 -2.66
CA GLU C 41 -18.37 -34.22 -2.90
C GLU C 41 -17.05 -34.98 -2.93
N TYR C 42 -16.05 -34.48 -3.68
CA TYR C 42 -14.72 -35.11 -3.79
C TYR C 42 -14.08 -35.20 -2.41
N GLY C 43 -14.14 -34.09 -1.64
CA GLY C 43 -13.64 -34.01 -0.26
C GLY C 43 -14.29 -35.07 0.61
N ARG C 44 -15.60 -35.20 0.54
CA ARG C 44 -16.37 -36.16 1.38
C ARG C 44 -15.84 -37.57 1.14
N GLU C 45 -15.57 -37.93 -0.12
CA GLU C 45 -15.04 -39.26 -0.51
C GLU C 45 -13.67 -39.49 0.14
N LEU C 46 -12.89 -38.42 0.35
CA LEU C 46 -11.55 -38.48 1.01
C LEU C 46 -11.65 -38.31 2.53
N GLY C 47 -12.85 -38.19 3.11
CA GLY C 47 -13.05 -37.93 4.54
C GLY C 47 -12.68 -36.50 4.93
N LEU C 48 -12.83 -35.55 4.02
CA LEU C 48 -12.63 -34.10 4.29
C LEU C 48 -13.98 -33.39 4.34
N ASP C 49 -14.08 -32.40 5.21
CA ASP C 49 -15.21 -31.46 5.33
C ASP C 49 -14.80 -30.17 4.61
N VAL C 50 -15.15 -30.01 3.35
CA VAL C 50 -14.64 -28.90 2.49
C VAL C 50 -15.66 -27.76 2.48
N GLU C 51 -15.20 -26.52 2.67
CA GLU C 51 -16.00 -25.31 2.44
C GLU C 51 -15.36 -24.55 1.29
N VAL C 52 -16.16 -24.02 0.39
CA VAL C 52 -15.66 -23.31 -0.83
C VAL C 52 -16.27 -21.92 -0.82
N ARG C 53 -15.42 -20.90 -0.90
CA ARG C 53 -15.84 -19.49 -0.85
C ARG C 53 -15.17 -18.72 -1.97
N GLN C 54 -15.86 -17.74 -2.52
CA GLN C 54 -15.31 -16.90 -3.62
C GLN C 54 -15.65 -15.44 -3.31
N THR C 55 -14.70 -14.55 -3.57
CA THR C 55 -14.95 -13.10 -3.40
C THR C 55 -14.09 -12.29 -4.37
N ASP C 56 -14.65 -11.15 -4.79
CA ASP C 56 -13.90 -10.08 -5.51
C ASP C 56 -13.34 -9.05 -4.52
N SER C 57 -13.61 -9.19 -3.21
CA SER C 57 -13.24 -8.23 -2.14
C SER C 57 -11.96 -8.67 -1.42
N GLU C 58 -10.90 -7.89 -1.52
CA GLU C 58 -9.64 -8.23 -0.80
C GLU C 58 -9.88 -8.21 0.73
N GLU C 59 -10.67 -7.27 1.24
CA GLU C 59 -11.03 -7.24 2.68
C GLU C 59 -11.68 -8.56 3.08
N ARG C 60 -12.68 -9.03 2.36
CA ARG C 60 -13.39 -10.29 2.71
C ARG C 60 -12.40 -11.47 2.64
N MET C 61 -11.58 -11.54 1.60
CA MET C 61 -10.57 -12.63 1.47
C MET C 61 -9.61 -12.58 2.66
N MET C 62 -9.06 -11.41 2.99
CA MET C 62 -8.15 -11.29 4.15
C MET C 62 -8.85 -11.79 5.42
N GLY C 63 -10.12 -11.47 5.63
CA GLY C 63 -10.88 -11.93 6.81
C GLY C 63 -10.95 -13.46 6.86
N TRP C 64 -11.20 -14.09 5.73
CA TRP C 64 -11.27 -15.58 5.62
C TRP C 64 -9.90 -16.20 5.91
N ILE C 65 -8.83 -15.59 5.40
CA ILE C 65 -7.46 -16.09 5.68
C ILE C 65 -7.15 -15.93 7.18
N HIS C 66 -7.45 -14.77 7.77
CA HIS C 66 -7.22 -14.53 9.21
C HIS C 66 -7.94 -15.60 10.05
N GLN C 67 -9.17 -15.93 9.69
CA GLN C 67 -9.96 -16.95 10.43
C GLN C 67 -9.31 -18.33 10.26
N ALA C 68 -8.86 -18.69 9.05
CA ALA C 68 -8.13 -19.97 8.82
C ALA C 68 -6.84 -20.02 9.65
N ALA C 69 -6.14 -18.89 9.82
CA ALA C 69 -4.93 -18.80 10.67
C ALA C 69 -5.32 -19.19 12.11
N ASP C 70 -6.38 -18.57 12.61
CA ASP C 70 -6.83 -18.76 14.03
C ASP C 70 -7.33 -20.18 14.23
N ASP C 71 -7.98 -20.76 13.23
CA ASP C 71 -8.63 -22.10 13.31
C ASP C 71 -7.63 -23.22 12.95
N ARG C 72 -6.45 -22.89 12.40
CA ARG C 72 -5.45 -23.85 11.89
C ARG C 72 -6.09 -24.73 10.81
N THR C 73 -6.88 -24.13 9.94
CA THR C 73 -7.55 -24.82 8.83
C THR C 73 -6.66 -24.80 7.60
N PRO C 74 -6.29 -25.95 7.01
CA PRO C 74 -5.57 -25.95 5.72
C PRO C 74 -6.37 -25.23 4.64
N VAL C 75 -5.63 -24.48 3.79
CA VAL C 75 -6.25 -23.59 2.77
C VAL C 75 -5.78 -24.00 1.38
N VAL C 76 -6.72 -24.10 0.45
CA VAL C 76 -6.41 -24.14 -1.01
C VAL C 76 -6.86 -22.78 -1.56
N ILE C 77 -5.95 -22.00 -2.11
CA ILE C 77 -6.29 -20.65 -2.55
C ILE C 77 -5.97 -20.51 -4.04
N ASN C 78 -6.91 -19.90 -4.77
CA ASN C 78 -6.67 -19.40 -6.15
C ASN C 78 -6.81 -17.88 -6.06
N PRO C 79 -5.68 -17.15 -5.90
CA PRO C 79 -5.74 -15.69 -5.77
C PRO C 79 -6.05 -15.00 -7.12
N ALA C 80 -6.08 -15.77 -8.20
CA ALA C 80 -6.40 -15.26 -9.57
C ALA C 80 -5.49 -14.05 -9.82
N ALA C 81 -6.00 -12.94 -10.37
CA ALA C 81 -5.11 -11.82 -10.81
C ALA C 81 -4.37 -11.24 -9.61
N TRP C 82 -4.90 -11.32 -8.39
CA TRP C 82 -4.15 -10.81 -7.20
C TRP C 82 -2.77 -11.49 -7.10
N SER C 83 -2.60 -12.70 -7.65
CA SER C 83 -1.29 -13.42 -7.57
C SER C 83 -0.16 -12.53 -8.10
N HIS C 84 -0.46 -11.66 -9.06
CA HIS C 84 0.63 -10.94 -9.80
C HIS C 84 1.14 -9.74 -9.00
N TYR C 85 0.45 -9.27 -7.96
CA TYR C 85 0.82 -7.96 -7.34
C TYR C 85 0.39 -7.78 -5.88
N ASN C 86 -0.58 -8.53 -5.38
CA ASN C 86 -1.32 -8.16 -4.14
C ASN C 86 -0.55 -8.62 -2.90
N ILE C 87 0.35 -7.77 -2.43
CA ILE C 87 1.19 -8.09 -1.24
C ILE C 87 0.31 -8.12 0.01
N ALA C 88 -0.81 -7.39 0.08
CA ALA C 88 -1.73 -7.47 1.24
C ALA C 88 -2.22 -8.92 1.41
N ILE C 89 -2.57 -9.58 0.31
CA ILE C 89 -3.06 -10.99 0.35
C ILE C 89 -1.88 -11.89 0.74
N ALA C 90 -0.69 -11.66 0.15
CA ALA C 90 0.52 -12.48 0.51
C ALA C 90 0.81 -12.35 2.00
N ASP C 91 0.72 -11.13 2.55
CA ASP C 91 1.05 -10.90 3.98
C ASP C 91 0.00 -11.54 4.90
N ALA C 92 -1.25 -11.67 4.47
CA ALA C 92 -2.31 -12.39 5.22
C ALA C 92 -1.95 -13.89 5.24
N LEU C 93 -1.54 -14.45 4.10
CA LEU C 93 -1.24 -15.89 3.97
C LEU C 93 -0.07 -16.27 4.88
N VAL C 94 0.88 -15.37 5.11
CA VAL C 94 2.06 -15.68 6.00
C VAL C 94 1.55 -15.99 7.43
N GLN C 95 0.38 -15.51 7.81
CA GLN C 95 -0.18 -15.80 9.16
C GLN C 95 -0.70 -17.23 9.30
N LEU C 96 -0.92 -17.95 8.18
CA LEU C 96 -1.45 -19.32 8.26
C LEU C 96 -0.45 -20.23 8.97
N VAL C 97 -0.97 -21.21 9.69
CA VAL C 97 -0.17 -22.19 10.45
C VAL C 97 -0.21 -23.52 9.70
N ALA C 98 -1.40 -23.97 9.31
CA ALA C 98 -1.59 -25.24 8.59
C ALA C 98 -1.16 -25.03 7.14
N PRO C 99 -0.99 -26.11 6.36
CA PRO C 99 -0.52 -25.98 4.98
C PRO C 99 -1.46 -25.15 4.12
N CYS C 100 -0.90 -24.56 3.07
CA CYS C 100 -1.62 -23.71 2.09
C CYS C 100 -1.12 -24.06 0.68
N ILE C 101 -2.02 -24.39 -0.22
CA ILE C 101 -1.65 -24.74 -1.63
C ILE C 101 -2.29 -23.69 -2.53
N GLU C 102 -1.47 -23.04 -3.35
CA GLU C 102 -1.90 -22.07 -4.36
C GLU C 102 -2.25 -22.85 -5.64
N VAL C 103 -3.41 -22.58 -6.23
CA VAL C 103 -3.89 -23.26 -7.46
C VAL C 103 -4.18 -22.19 -8.53
N HIS C 104 -3.60 -22.38 -9.71
CA HIS C 104 -3.95 -21.61 -10.94
C HIS C 104 -4.60 -22.59 -11.92
N ILE C 105 -5.79 -22.25 -12.42
CA ILE C 105 -6.48 -23.14 -13.40
C ILE C 105 -5.67 -23.19 -14.71
N SER C 106 -5.25 -22.02 -15.18
CA SER C 106 -4.51 -21.85 -16.45
C SER C 106 -3.01 -22.05 -16.17
N ASN C 107 -2.27 -22.29 -17.26
CA ASN C 107 -0.80 -22.42 -17.20
C ASN C 107 -0.26 -20.99 -17.31
N ILE C 108 -0.05 -20.34 -16.18
CA ILE C 108 0.32 -18.89 -16.15
C ILE C 108 1.68 -18.71 -16.86
N ALA C 109 2.55 -19.72 -16.85
CA ALA C 109 3.89 -19.64 -17.49
C ALA C 109 3.75 -19.53 -19.01
N ALA C 110 2.66 -20.03 -19.59
CA ALA C 110 2.44 -20.05 -21.06
C ALA C 110 1.71 -18.78 -21.53
N ARG C 111 1.35 -17.88 -20.63
CA ARG C 111 0.54 -16.67 -20.93
C ARG C 111 1.47 -15.44 -21.02
N GLU C 112 0.90 -14.23 -20.96
CA GLU C 112 1.68 -12.97 -21.07
C GLU C 112 2.69 -12.91 -19.92
N GLU C 113 3.78 -12.17 -20.14
CA GLU C 113 4.89 -12.08 -19.15
C GLU C 113 4.37 -11.49 -17.83
N PHE C 114 3.41 -10.56 -17.85
CA PHE C 114 2.84 -9.95 -16.62
C PHE C 114 2.15 -11.01 -15.76
N ARG C 115 1.86 -12.21 -16.28
CA ARG C 115 1.16 -13.28 -15.51
C ARG C 115 2.17 -14.30 -14.96
N HIS C 116 3.45 -14.23 -15.32
CA HIS C 116 4.41 -15.34 -15.00
C HIS C 116 4.70 -15.38 -13.48
N HIS C 117 4.85 -14.22 -12.85
CA HIS C 117 5.31 -14.14 -11.45
C HIS C 117 4.11 -14.14 -10.51
N SER C 118 4.12 -15.02 -9.51
CA SER C 118 3.19 -14.94 -8.35
C SER C 118 3.92 -14.44 -7.11
N VAL C 119 3.37 -13.42 -6.47
CA VAL C 119 3.85 -12.87 -5.19
C VAL C 119 3.43 -13.78 -4.02
N VAL C 120 2.56 -14.76 -4.29
CA VAL C 120 1.99 -15.68 -3.26
C VAL C 120 2.89 -16.93 -3.13
N SER C 121 3.49 -17.39 -4.23
CA SER C 121 4.11 -18.75 -4.27
C SER C 121 5.18 -18.94 -3.20
N ALA C 122 6.02 -17.92 -2.90
CA ALA C 122 7.11 -17.99 -1.92
C ALA C 122 6.56 -18.26 -0.50
N HIS C 123 5.30 -17.91 -0.24
CA HIS C 123 4.71 -17.81 1.12
C HIS C 123 3.78 -18.99 1.41
N VAL C 124 3.63 -19.93 0.50
CA VAL C 124 2.68 -21.07 0.69
C VAL C 124 3.49 -22.37 0.69
N THR C 125 2.82 -23.50 0.93
CA THR C 125 3.49 -24.84 0.90
C THR C 125 3.96 -25.14 -0.52
N GLY C 126 3.04 -25.03 -1.47
CA GLY C 126 3.30 -25.36 -2.87
C GLY C 126 2.22 -24.84 -3.77
N THR C 127 2.41 -25.10 -5.07
CA THR C 127 1.64 -24.47 -6.16
C THR C 127 1.33 -25.52 -7.22
N ILE C 128 0.13 -25.46 -7.74
CA ILE C 128 -0.34 -26.29 -8.87
C ILE C 128 -0.85 -25.31 -9.93
N ALA C 129 -0.37 -25.39 -11.16
CA ALA C 129 -0.76 -24.48 -12.26
C ALA C 129 -1.00 -25.25 -13.56
N GLY C 130 -2.03 -24.89 -14.32
CA GLY C 130 -2.24 -25.38 -15.70
C GLY C 130 -2.95 -26.72 -15.74
N LEU C 131 -3.42 -27.24 -14.60
CA LEU C 131 -4.04 -28.58 -14.57
C LEU C 131 -5.57 -28.44 -14.47
N GLY C 132 -6.08 -27.24 -14.79
CA GLY C 132 -7.51 -26.97 -14.87
C GLY C 132 -8.20 -27.09 -13.52
N LEU C 133 -9.50 -27.32 -13.53
CA LEU C 133 -10.28 -27.41 -12.27
C LEU C 133 -9.83 -28.64 -11.48
N LYS C 134 -9.28 -29.65 -12.17
CA LYS C 134 -8.75 -30.86 -11.50
C LYS C 134 -7.61 -30.49 -10.55
N GLY C 135 -6.93 -29.34 -10.77
CA GLY C 135 -5.88 -28.94 -9.83
C GLY C 135 -6.39 -28.82 -8.42
N TYR C 136 -7.61 -28.32 -8.21
CA TYR C 136 -8.22 -28.18 -6.88
C TYR C 136 -8.34 -29.57 -6.24
N GLU C 137 -8.75 -30.57 -7.02
CA GLU C 137 -8.90 -31.97 -6.51
C GLU C 137 -7.54 -32.52 -6.11
N LEU C 138 -6.49 -32.24 -6.89
CA LEU C 138 -5.12 -32.67 -6.53
C LEU C 138 -4.74 -32.07 -5.17
N ALA C 139 -5.03 -30.78 -4.96
CA ALA C 139 -4.70 -30.09 -3.70
C ALA C 139 -5.41 -30.82 -2.55
N LEU C 140 -6.68 -31.14 -2.72
CA LEU C 140 -7.47 -31.85 -1.66
C LEU C 140 -6.86 -33.24 -1.41
N SER C 141 -6.50 -33.98 -2.46
CA SER C 141 -5.83 -35.30 -2.37
C SER C 141 -4.55 -35.18 -1.52
N TRP C 142 -3.76 -34.14 -1.76
CA TRP C 142 -2.53 -33.92 -0.97
C TRP C 142 -2.87 -33.74 0.52
N LEU C 143 -3.88 -32.94 0.81
CA LEU C 143 -4.28 -32.56 2.18
C LEU C 143 -4.94 -33.75 2.90
N ALA C 144 -5.48 -34.70 2.16
CA ALA C 144 -6.18 -35.88 2.72
C ALA C 144 -5.20 -36.81 3.46
N THR C 145 -3.94 -36.84 3.05
CA THR C 145 -2.89 -37.76 3.56
C THR C 145 -1.83 -37.01 4.36
N ASP C 146 -1.90 -35.67 4.39
CA ASP C 146 -1.09 -34.80 5.27
C ASP C 146 -1.52 -35.02 6.73
N SER D 5 25.29 7.44 33.25
CA SER D 5 25.01 8.50 32.24
C SER D 5 24.36 7.90 31.00
N LYS D 6 23.30 8.55 30.50
CA LYS D 6 22.59 8.16 29.24
C LYS D 6 23.21 8.99 28.10
N GLN D 7 24.37 8.57 27.64
CA GLN D 7 25.10 9.24 26.54
C GLN D 7 24.50 8.82 25.21
N ILE D 8 24.36 9.79 24.32
CA ILE D 8 23.92 9.60 22.91
C ILE D 8 24.92 10.35 22.05
N LEU D 9 25.29 9.76 20.91
CA LEU D 9 26.18 10.43 19.95
C LEU D 9 25.37 10.72 18.68
N VAL D 10 25.40 12.00 18.27
CA VAL D 10 24.78 12.43 16.98
C VAL D 10 25.96 12.68 16.03
N LEU D 11 26.00 11.95 14.93
CA LEU D 11 27.09 12.04 13.94
C LEU D 11 26.55 12.56 12.62
N ASN D 12 27.12 13.66 12.13
CA ASN D 12 26.68 14.28 10.86
C ASN D 12 27.78 14.10 9.82
N GLY D 13 27.41 13.63 8.63
CA GLY D 13 28.38 13.37 7.55
C GLY D 13 28.58 14.55 6.61
N PRO D 14 28.96 14.27 5.34
CA PRO D 14 29.55 15.30 4.49
C PRO D 14 28.58 16.41 4.09
N ASN D 15 29.15 17.62 4.05
CA ASN D 15 28.49 18.87 3.61
C ASN D 15 27.59 19.42 4.74
N LEU D 16 27.32 18.70 5.83
CA LEU D 16 26.38 19.16 6.89
C LEU D 16 27.03 20.27 7.74
N GLY D 17 28.36 20.42 7.71
CA GLY D 17 29.03 21.59 8.29
C GLY D 17 28.57 22.88 7.63
N ARG D 18 27.98 22.82 6.44
CA ARG D 18 27.50 23.98 5.64
C ARG D 18 26.01 24.26 5.83
N LEU D 19 25.35 23.60 6.78
CA LEU D 19 23.91 23.87 7.06
C LEU D 19 23.73 25.38 7.25
N GLY D 20 22.69 25.96 6.66
CA GLY D 20 22.41 27.41 6.76
C GLY D 20 22.90 28.20 5.54
N ARG D 21 23.99 27.78 4.91
CA ARG D 21 24.49 28.31 3.62
C ARG D 21 24.07 27.36 2.49
N ARG D 22 23.90 26.07 2.79
CA ARG D 22 23.69 24.97 1.80
C ARG D 22 22.20 24.87 1.42
N THR D 29 18.00 28.23 7.40
CA THR D 29 19.02 29.26 7.74
C THR D 29 19.69 28.90 9.08
N THR D 30 19.25 27.84 9.76
CA THR D 30 19.90 27.26 10.97
C THR D 30 21.29 26.70 10.61
N THR D 31 22.32 27.05 11.39
CA THR D 31 23.71 26.56 11.14
C THR D 31 23.92 25.23 11.84
N HIS D 32 25.05 24.55 11.58
CA HIS D 32 25.35 23.26 12.26
C HIS D 32 25.53 23.58 13.76
N ASP D 33 26.19 24.69 14.12
CA ASP D 33 26.38 25.07 15.55
C ASP D 33 25.01 25.23 16.20
N ASP D 34 24.04 25.88 15.57
CA ASP D 34 22.67 26.12 16.10
C ASP D 34 22.00 24.75 16.31
N LEU D 35 22.11 23.83 15.33
CA LEU D 35 21.54 22.48 15.47
C LEU D 35 22.16 21.76 16.66
N ALA D 36 23.48 21.77 16.78
CA ALA D 36 24.19 21.07 17.87
C ALA D 36 23.70 21.61 19.21
N ALA D 37 23.67 22.94 19.41
CA ALA D 37 23.23 23.57 20.67
C ALA D 37 21.79 23.12 21.00
N ARG D 38 20.90 23.11 20.00
CA ARG D 38 19.48 22.70 20.16
CA ARG D 38 19.47 22.71 20.18
C ARG D 38 19.40 21.25 20.65
N LEU D 39 20.15 20.33 20.03
CA LEU D 39 20.04 18.89 20.39
C LEU D 39 20.65 18.66 21.78
N ILE D 40 21.73 19.37 22.13
CA ILE D 40 22.36 19.19 23.49
C ILE D 40 21.32 19.63 24.53
N GLU D 41 20.68 20.78 24.29
CA GLU D 41 19.66 21.34 25.22
C GLU D 41 18.45 20.38 25.30
N TYR D 42 17.93 19.95 24.14
CA TYR D 42 16.76 19.03 24.04
C TYR D 42 17.09 17.74 24.77
N GLY D 43 18.29 17.18 24.54
CA GLY D 43 18.75 15.96 25.21
C GLY D 43 18.70 16.14 26.73
N ARG D 44 19.28 17.26 27.22
CA ARG D 44 19.35 17.52 28.68
C ARG D 44 17.93 17.46 29.27
N GLU D 45 16.94 18.07 28.59
CA GLU D 45 15.51 18.11 29.03
C GLU D 45 14.98 16.68 29.15
N LEU D 46 15.46 15.74 28.34
CA LEU D 46 15.05 14.32 28.37
C LEU D 46 15.93 13.48 29.30
N GLY D 47 16.90 14.06 29.99
CA GLY D 47 17.88 13.34 30.81
C GLY D 47 18.89 12.56 29.98
N LEU D 48 19.19 13.04 28.77
CA LEU D 48 20.28 12.49 27.93
C LEU D 48 21.48 13.43 27.91
N ASP D 49 22.67 12.85 27.85
CA ASP D 49 23.95 13.55 27.71
C ASP D 49 24.34 13.46 26.21
N VAL D 50 24.03 14.48 25.43
CA VAL D 50 24.16 14.37 23.94
C VAL D 50 25.47 15.03 23.49
N GLU D 51 26.23 14.38 22.61
CA GLU D 51 27.29 15.11 21.89
C GLU D 51 27.01 15.06 20.40
N VAL D 52 27.36 16.12 19.71
CA VAL D 52 27.10 16.26 18.25
C VAL D 52 28.44 16.51 17.56
N ARG D 53 28.74 15.69 16.55
CA ARG D 53 30.01 15.76 15.79
CA ARG D 53 30.02 15.72 15.80
C ARG D 53 29.69 15.75 14.30
N GLN D 54 30.47 16.46 13.53
CA GLN D 54 30.28 16.56 12.06
C GLN D 54 31.63 16.38 11.37
N THR D 55 31.67 15.64 10.27
CA THR D 55 32.91 15.52 9.48
C THR D 55 32.61 15.24 8.02
N ASP D 56 33.49 15.71 7.13
CA ASP D 56 33.50 15.35 5.70
C ASP D 56 34.47 14.17 5.45
N SER D 57 35.16 13.68 6.49
CA SER D 57 36.17 12.59 6.39
C SER D 57 35.55 11.23 6.72
N GLU D 58 35.51 10.30 5.77
CA GLU D 58 34.97 8.96 6.08
C GLU D 58 35.88 8.24 7.10
N GLU D 59 37.19 8.45 7.05
CA GLU D 59 38.12 7.89 8.08
C GLU D 59 37.71 8.35 9.47
N ARG D 60 37.50 9.66 9.66
CA ARG D 60 37.12 10.22 10.99
C ARG D 60 35.77 9.65 11.42
N MET D 61 34.79 9.60 10.52
CA MET D 61 33.44 9.06 10.83
C MET D 61 33.57 7.58 11.23
N MET D 62 34.31 6.78 10.48
CA MET D 62 34.50 5.34 10.81
C MET D 62 35.08 5.23 12.23
N GLY D 63 36.08 6.06 12.58
CA GLY D 63 36.68 6.03 13.93
C GLY D 63 35.68 6.30 15.02
N TRP D 64 34.79 7.30 14.79
CA TRP D 64 33.71 7.66 15.75
C TRP D 64 32.76 6.48 15.92
N ILE D 65 32.38 5.83 14.82
CA ILE D 65 31.46 4.66 14.87
C ILE D 65 32.13 3.49 15.61
N HIS D 66 33.40 3.20 15.31
CA HIS D 66 34.15 2.12 16.00
C HIS D 66 34.12 2.36 17.52
N GLN D 67 34.35 3.58 17.96
N GLN D 67 34.38 3.60 17.95
CA GLN D 67 34.42 3.89 19.41
CA GLN D 67 34.43 4.05 19.37
C GLN D 67 33.01 3.75 20.01
C GLN D 67 33.05 3.78 20.01
N ALA D 68 31.97 4.19 19.32
CA ALA D 68 30.57 3.99 19.77
C ALA D 68 30.24 2.51 19.90
N ALA D 69 30.76 1.65 19.02
CA ALA D 69 30.56 0.18 19.06
C ALA D 69 31.16 -0.32 20.38
N ASP D 70 32.40 0.09 20.67
CA ASP D 70 33.15 -0.37 21.86
C ASP D 70 32.47 0.15 23.15
N ASP D 71 31.96 1.38 23.10
CA ASP D 71 31.34 2.05 24.28
C ASP D 71 29.85 1.67 24.45
N ARG D 72 29.24 1.01 23.46
CA ARG D 72 27.79 0.68 23.40
C ARG D 72 26.99 1.98 23.54
N THR D 73 27.41 3.02 22.82
CA THR D 73 26.71 4.32 22.82
C THR D 73 25.69 4.31 21.69
N PRO D 74 24.38 4.56 21.96
CA PRO D 74 23.42 4.77 20.88
C PRO D 74 23.85 5.92 19.96
N VAL D 75 23.65 5.72 18.66
CA VAL D 75 24.07 6.67 17.59
C VAL D 75 22.85 7.14 16.82
N VAL D 76 22.79 8.44 16.60
CA VAL D 76 21.91 9.07 15.58
C VAL D 76 22.82 9.57 14.47
N ILE D 77 22.68 9.04 13.28
CA ILE D 77 23.59 9.37 12.18
C ILE D 77 22.78 9.96 11.03
N ASN D 78 23.32 11.02 10.45
CA ASN D 78 22.88 11.58 9.16
C ASN D 78 24.05 11.42 8.21
N PRO D 79 24.07 10.34 7.39
CA PRO D 79 25.19 10.09 6.47
C PRO D 79 25.21 11.04 5.29
N ALA D 80 24.17 11.86 5.13
CA ALA D 80 24.00 12.77 3.98
C ALA D 80 24.36 11.99 2.69
N ALA D 81 25.15 12.52 1.75
CA ALA D 81 25.32 11.87 0.43
C ALA D 81 25.94 10.49 0.54
N TRP D 82 26.69 10.19 1.61
CA TRP D 82 27.24 8.82 1.78
C TRP D 82 26.11 7.78 1.80
N SER D 83 24.89 8.15 2.20
CA SER D 83 23.74 7.20 2.22
C SER D 83 23.60 6.46 0.89
N HIS D 84 23.90 7.11 -0.23
CA HIS D 84 23.52 6.55 -1.56
C HIS D 84 24.54 5.51 -2.04
N TYR D 85 25.74 5.40 -1.44
CA TYR D 85 26.80 4.55 -2.06
C TYR D 85 27.86 4.03 -1.08
N ASN D 86 28.05 4.64 0.10
CA ASN D 86 29.27 4.41 0.90
C ASN D 86 29.14 3.13 1.74
N ILE D 87 29.55 2.01 1.15
CA ILE D 87 29.47 0.70 1.84
C ILE D 87 30.49 0.63 2.98
N ALA D 88 31.61 1.37 2.92
CA ALA D 88 32.58 1.44 4.07
C ALA D 88 31.89 1.93 5.32
N ILE D 89 31.06 2.98 5.21
CA ILE D 89 30.31 3.55 6.35
C ILE D 89 29.24 2.55 6.79
N ALA D 90 28.54 1.92 5.85
CA ALA D 90 27.50 0.91 6.20
C ALA D 90 28.14 -0.24 6.97
N ASP D 91 29.31 -0.70 6.55
CA ASP D 91 29.99 -1.85 7.20
C ASP D 91 30.54 -1.43 8.58
N ALA D 92 30.90 -0.15 8.82
CA ALA D 92 31.27 0.33 10.17
C ALA D 92 30.02 0.26 11.09
N LEU D 93 28.87 0.70 10.58
CA LEU D 93 27.64 0.79 11.39
C LEU D 93 27.20 -0.61 11.84
N VAL D 94 27.50 -1.65 11.07
CA VAL D 94 27.15 -3.04 11.41
C VAL D 94 27.82 -3.44 12.73
N GLN D 95 28.92 -2.80 13.09
CA GLN D 95 29.64 -3.13 14.34
C GLN D 95 28.94 -2.58 15.59
N LEU D 96 28.02 -1.64 15.44
CA LEU D 96 27.34 -1.03 16.61
C LEU D 96 26.55 -2.12 17.36
N VAL D 97 26.51 -1.98 18.66
CA VAL D 97 25.79 -2.90 19.58
C VAL D 97 24.50 -2.23 20.03
N ALA D 98 24.58 -0.97 20.44
CA ALA D 98 23.39 -0.22 20.88
C ALA D 98 22.63 0.24 19.64
N PRO D 99 21.40 0.75 19.79
CA PRO D 99 20.63 1.19 18.63
C PRO D 99 21.33 2.30 17.85
N CYS D 100 20.92 2.40 16.59
CA CYS D 100 21.40 3.40 15.61
C CYS D 100 20.22 3.85 14.76
N ILE D 101 19.94 5.15 14.74
CA ILE D 101 18.84 5.73 13.94
C ILE D 101 19.45 6.61 12.88
N GLU D 102 19.12 6.33 11.63
CA GLU D 102 19.51 7.11 10.44
C GLU D 102 18.50 8.26 10.30
N VAL D 103 18.98 9.51 10.16
CA VAL D 103 18.12 10.70 9.94
C VAL D 103 18.47 11.36 8.60
N HIS D 104 17.45 11.63 7.78
CA HIS D 104 17.52 12.48 6.60
C HIS D 104 16.66 13.70 6.81
N ILE D 105 17.21 14.91 6.67
CA ILE D 105 16.44 16.17 6.90
C ILE D 105 15.33 16.27 5.84
N SER D 106 15.69 16.03 4.58
CA SER D 106 14.78 16.11 3.40
C SER D 106 14.08 14.77 3.21
N ASN D 107 12.96 14.80 2.49
CA ASN D 107 12.23 13.59 2.10
C ASN D 107 12.92 13.02 0.86
N ILE D 108 13.86 12.13 1.04
CA ILE D 108 14.72 11.62 -0.08
C ILE D 108 13.83 10.86 -1.09
N ALA D 109 12.70 10.32 -0.69
CA ALA D 109 11.78 9.61 -1.62
C ALA D 109 11.17 10.59 -2.63
N ALA D 110 11.08 11.88 -2.31
CA ALA D 110 10.43 12.91 -3.13
C ALA D 110 11.45 13.57 -4.09
N ARG D 111 12.72 13.19 -4.00
CA ARG D 111 13.82 13.84 -4.76
C ARG D 111 14.19 12.99 -5.98
N GLU D 112 15.35 13.27 -6.59
CA GLU D 112 15.80 12.51 -7.79
C GLU D 112 15.94 11.03 -7.45
N GLU D 113 15.83 10.16 -8.45
CA GLU D 113 15.85 8.70 -8.24
C GLU D 113 17.18 8.25 -7.60
N PHE D 114 18.30 8.92 -7.91
CA PHE D 114 19.64 8.56 -7.39
C PHE D 114 19.66 8.77 -5.87
N ARG D 115 18.70 9.50 -5.30
CA ARG D 115 18.68 9.77 -3.83
C ARG D 115 17.73 8.80 -3.10
N HIS D 116 16.96 7.97 -3.79
CA HIS D 116 15.88 7.15 -3.16
C HIS D 116 16.46 6.06 -2.29
N HIS D 117 17.56 5.42 -2.73
CA HIS D 117 18.08 4.23 -2.03
C HIS D 117 19.14 4.67 -1.01
N SER D 118 19.02 4.20 0.23
CA SER D 118 20.09 4.29 1.23
C SER D 118 20.73 2.93 1.46
N VAL D 119 22.05 2.86 1.34
CA VAL D 119 22.84 1.63 1.63
C VAL D 119 22.98 1.45 3.15
N VAL D 120 22.61 2.45 3.95
CA VAL D 120 22.72 2.44 5.44
C VAL D 120 21.46 1.80 6.05
N SER D 121 20.27 2.02 5.46
CA SER D 121 18.97 1.74 6.13
C SER D 121 18.85 0.28 6.61
N ALA D 122 19.31 -0.69 5.82
CA ALA D 122 19.22 -2.13 6.15
C ALA D 122 20.02 -2.47 7.40
N HIS D 123 21.03 -1.66 7.75
CA HIS D 123 22.09 -2.01 8.73
C HIS D 123 21.87 -1.28 10.06
N VAL D 124 20.82 -0.47 10.18
CA VAL D 124 20.56 0.33 11.40
C VAL D 124 19.24 -0.12 12.00
N THR D 125 18.89 0.44 13.15
CA THR D 125 17.60 0.14 13.81
C THR D 125 16.42 0.61 12.95
N GLY D 126 16.52 1.86 12.52
CA GLY D 126 15.41 2.57 11.87
C GLY D 126 15.89 3.83 11.22
N THR D 127 14.97 4.46 10.47
CA THR D 127 15.24 5.64 9.65
C THR D 127 14.08 6.63 9.81
N ILE D 128 14.42 7.90 9.87
CA ILE D 128 13.48 9.03 9.90
C ILE D 128 13.91 9.93 8.74
N ALA D 129 12.97 10.25 7.83
CA ALA D 129 13.26 11.05 6.64
C ALA D 129 12.18 12.11 6.42
N GLY D 130 12.57 13.33 6.06
CA GLY D 130 11.60 14.32 5.55
C GLY D 130 10.98 15.13 6.68
N LEU D 131 11.41 14.94 7.93
CA LEU D 131 10.75 15.63 9.07
C LEU D 131 11.63 16.79 9.54
N GLY D 132 12.57 17.22 8.67
CA GLY D 132 13.42 18.39 8.92
C GLY D 132 14.34 18.19 10.09
N LEU D 133 14.83 19.29 10.69
CA LEU D 133 15.81 19.16 11.79
C LEU D 133 15.11 18.54 13.01
N LYS D 134 13.78 18.64 13.11
CA LYS D 134 12.99 17.99 14.18
CA LYS D 134 13.01 17.99 14.20
C LYS D 134 13.17 16.47 14.15
N GLY D 135 13.54 15.89 12.99
CA GLY D 135 13.85 14.46 12.91
C GLY D 135 14.88 14.02 13.94
N TYR D 136 15.92 14.84 14.15
CA TYR D 136 16.96 14.55 15.19
C TYR D 136 16.33 14.47 16.57
N GLU D 137 15.39 15.37 16.87
CA GLU D 137 14.74 15.42 18.19
C GLU D 137 13.86 14.17 18.36
N LEU D 138 13.19 13.69 17.31
CA LEU D 138 12.39 12.45 17.39
C LEU D 138 13.32 11.28 17.70
N ALA D 139 14.51 11.23 17.07
CA ALA D 139 15.47 10.13 17.31
C ALA D 139 15.85 10.16 18.80
N LEU D 140 16.13 11.35 19.34
CA LEU D 140 16.51 11.49 20.78
C LEU D 140 15.34 11.04 21.68
N SER D 141 14.11 11.48 21.36
CA SER D 141 12.88 11.09 22.11
C SER D 141 12.76 9.56 22.12
N TRP D 142 13.03 8.90 20.99
CA TRP D 142 12.97 7.42 20.93
C TRP D 142 13.97 6.80 21.92
N LEU D 143 15.19 7.31 21.94
CA LEU D 143 16.31 6.79 22.73
C LEU D 143 16.12 7.11 24.21
N ALA D 144 15.31 8.11 24.54
CA ALA D 144 15.08 8.54 25.95
C ALA D 144 14.32 7.46 26.73
N THR D 145 13.48 6.66 26.04
CA THR D 145 12.56 5.67 26.64
C THR D 145 13.00 4.24 26.29
N ASP D 146 14.05 4.07 25.48
CA ASP D 146 14.55 2.73 25.07
C ASP D 146 15.27 2.06 26.26
#